data_6H0R
#
_entry.id   6H0R
#
_cell.length_a   114.020
_cell.length_b   32.390
_cell.length_c   46.370
_cell.angle_alpha   90.00
_cell.angle_beta   103.47
_cell.angle_gamma   90.00
#
_symmetry.space_group_name_H-M   'C 1 2 1'
#
loop_
_entity.id
_entity.type
_entity.pdbx_description
1 polymer "SRS2 fragment of Rgs4 3' UTR, RNA (31-MER)"
2 non-polymer 'BARIUM ION'
3 non-polymer 'MAGNESIUM ION'
4 water water
#
_entity_poly.entity_id   1
_entity_poly.type   'polyribonucleotide'
_entity_poly.pdbx_seq_one_letter_code
;ACAUGCACAUGCAAUUUGUGUAUGUGUAUGU
;
_entity_poly.pdbx_strand_id   A,B
#
loop_
_chem_comp.id
_chem_comp.type
_chem_comp.name
_chem_comp.formula
A RNA linking ADENOSINE-5'-MONOPHOSPHATE 'C10 H14 N5 O7 P'
BA non-polymer 'BARIUM ION' 'Ba 2'
C RNA linking CYTIDINE-5'-MONOPHOSPHATE 'C9 H14 N3 O8 P'
G RNA linking GUANOSINE-5'-MONOPHOSPHATE 'C10 H14 N5 O8 P'
MG non-polymer 'MAGNESIUM ION' 'Mg 2'
U RNA linking URIDINE-5'-MONOPHOSPHATE 'C9 H13 N2 O9 P'
#
# COMPACT_ATOMS: atom_id res chain seq x y z
BA BA C . 11.51 0.80 1.37
BA BA D . 25.98 3.21 -3.78
BA BA E . 37.47 2.75 -8.04
BA BA F . 26.15 3.34 -1.23
BA BA G . 28.18 5.84 -0.54
BA BA H . -2.55 2.86 -1.54
MG MG I . 24.38 10.56 -1.75
BA BA J . -16.31 -6.61 0.40
BA BA K . -29.50 -9.86 4.67
BA BA K . -29.90 -8.49 6.51
BA BA L . -44.83 3.53 8.41
BA BA M . -8.43 -3.12 -1.72
BA BA N . -15.67 -5.48 2.57
BA BA O . -4.17 0.31 -1.47
BA BA O . -2.30 0.36 -3.84
#